data_8W5T
#
_entry.id   8W5T
#
_cell.length_a   1.00
_cell.length_b   1.00
_cell.length_c   1.00
_cell.angle_alpha   90.00
_cell.angle_beta   90.00
_cell.angle_gamma   90.00
#
_symmetry.space_group_name_H-M   'P 1'
#
loop_
_entity.id
_entity.type
_entity.pdbx_description
1 polymer 'Light chain of Ab57'
2 polymer 'Heavy chain of Ab57'
3 polymer 'Minor capsid protein A1'
#
loop_
_entity_poly.entity_id
_entity_poly.type
_entity_poly.pdbx_seq_one_letter_code
_entity_poly.pdbx_strand_id
1 'polypeptide(L)'
;VHSQIVLTQSPAIMSESPGEKVTMTCSASSSVSYMYWYQQMPGSSPRLLIYDTSNLASGVPVRFSGSGSGTSYSLTISRM
EAEDAATYYCQQWSNYPPLTFGAGTKLELK
;
L
2 'polypeptide(L)'
;VHSEVQLVESGGDLVKPGGSLKLSCAASGFTFSSYGMSWVRQTPDKRLEWVATISTGGSYTDYPDSVKGRFTISRDNAKN
TLYLQMSSLKSEDTAMYYCGRTFTVPYWYFDVWGTGTTVTVSSA
;
H
3 'polypeptide(L)'
;MAKLETVTLGNIGKDGKQTLVLNPRGVNPTNGVASLSQAGAVPALEKRVTVSVSQPSRNRKNYKVQVKIQNPTACTANGS
CDPSVTRQAYADVTFSFTQYSTDEERAFVRTELAALLASPLLIDAIDQLNPAY
;
A,B
#
# COMPACT_ATOMS: atom_id res chain seq x y z
N VAL A 6 0.86 13.63 -11.88
CA VAL A 6 1.37 14.63 -10.95
C VAL A 6 0.45 15.85 -10.95
N LEU A 7 -0.20 16.09 -12.08
CA LEU A 7 -1.11 17.21 -12.24
C LEU A 7 -2.54 16.69 -12.41
N THR A 8 -3.46 17.27 -11.65
CA THR A 8 -4.88 16.91 -11.73
C THR A 8 -5.72 18.18 -11.81
N GLN A 9 -6.91 18.04 -12.36
CA GLN A 9 -7.84 19.16 -12.46
C GLN A 9 -9.25 18.61 -12.48
N SER A 10 -10.20 19.46 -12.08
CA SER A 10 -11.61 19.09 -12.03
C SER A 10 -12.44 20.31 -12.37
N PRO A 11 -13.63 20.12 -12.94
CA PRO A 11 -14.54 21.25 -13.13
C PRO A 11 -14.97 21.82 -11.79
N ALA A 12 -15.22 23.12 -11.76
CA ALA A 12 -15.50 23.81 -10.51
C ALA A 12 -16.78 24.60 -10.59
N ILE A 13 -17.37 24.82 -9.41
CA ILE A 13 -18.55 25.65 -9.21
C ILE A 13 -19.70 25.10 -10.05
N MET A 14 -20.29 24.00 -9.59
CA MET A 14 -21.53 23.49 -10.16
C MET A 14 -22.66 23.64 -9.15
N SER A 15 -23.75 24.26 -9.60
CA SER A 15 -24.94 24.43 -8.78
C SER A 15 -25.97 23.38 -9.14
N GLU A 16 -26.58 22.77 -8.13
CA GLU A 16 -27.53 21.69 -8.36
C GLU A 16 -28.66 21.78 -7.36
N SER A 17 -29.89 21.77 -7.88
CA SER A 17 -31.07 21.73 -7.03
C SER A 17 -31.21 20.34 -6.41
N PRO A 18 -31.98 20.23 -5.31
CA PRO A 18 -32.18 18.91 -4.70
C PRO A 18 -32.79 17.92 -5.68
N GLY A 19 -32.52 16.63 -5.41
CA GLY A 19 -32.98 15.51 -6.21
C GLY A 19 -32.28 15.44 -7.56
N GLU A 20 -32.70 14.50 -8.41
CA GLU A 20 -32.10 14.13 -9.69
C GLU A 20 -30.58 13.97 -9.64
N LYS A 21 -29.99 13.63 -10.78
CA LYS A 21 -28.59 13.27 -10.86
C LYS A 21 -27.67 14.50 -10.81
N VAL A 22 -26.44 14.26 -10.38
CA VAL A 22 -25.36 15.25 -10.48
C VAL A 22 -24.05 14.47 -10.51
N THR A 23 -23.11 14.96 -11.33
CA THR A 23 -21.84 14.28 -11.51
C THR A 23 -20.71 15.29 -11.59
N MET A 24 -19.51 14.84 -11.24
CA MET A 24 -18.30 15.64 -11.34
C MET A 24 -17.11 14.71 -11.46
N THR A 25 -16.23 15.00 -12.42
CA THR A 25 -15.12 14.13 -12.74
C THR A 25 -13.80 14.85 -12.51
N CYS A 26 -12.71 14.19 -12.90
CA CYS A 26 -11.38 14.72 -12.73
C CYS A 26 -10.49 14.22 -13.86
N SER A 27 -9.45 14.99 -14.16
CA SER A 27 -8.50 14.61 -15.20
C SER A 27 -7.30 13.90 -14.58
N ALA A 28 -6.53 13.23 -15.43
CA ALA A 28 -5.38 12.45 -15.00
C ALA A 28 -4.05 13.07 -15.38
N SER A 29 -3.86 13.42 -16.65
CA SER A 29 -2.62 14.00 -17.17
C SER A 29 -1.45 13.03 -17.02
N SER A 30 -1.73 11.81 -16.57
CA SER A 30 -0.72 10.78 -16.37
C SER A 30 -1.46 9.46 -16.15
N SER A 31 -0.73 8.43 -15.77
CA SER A 31 -1.32 7.15 -15.41
C SER A 31 -1.25 6.99 -13.89
N VAL A 32 -2.40 6.78 -13.26
CA VAL A 32 -2.49 6.65 -11.82
C VAL A 32 -3.13 5.31 -11.47
N SER A 33 -2.54 4.61 -10.50
CA SER A 33 -3.08 3.33 -10.06
C SER A 33 -4.38 3.53 -9.30
N TYR A 34 -4.45 4.56 -8.47
CA TYR A 34 -5.60 4.84 -7.63
C TYR A 34 -5.95 6.32 -7.73
N MET A 35 -7.22 6.63 -7.43
CA MET A 35 -7.71 8.00 -7.51
C MET A 35 -8.75 8.20 -6.41
N TYR A 36 -8.32 8.71 -5.26
CA TYR A 36 -9.19 8.90 -4.11
C TYR A 36 -9.63 10.36 -4.01
N TRP A 37 -10.58 10.60 -3.12
CA TRP A 37 -11.08 11.95 -2.90
C TRP A 37 -11.75 12.04 -1.55
N TYR A 38 -11.83 13.27 -1.04
CA TYR A 38 -12.35 13.56 0.28
C TYR A 38 -13.48 14.58 0.19
N GLN A 39 -14.37 14.55 1.17
CA GLN A 39 -15.45 15.52 1.30
C GLN A 39 -15.16 16.41 2.50
N GLN A 40 -15.11 17.72 2.26
CA GLN A 40 -14.81 18.69 3.30
C GLN A 40 -16.08 19.46 3.64
N MET A 41 -16.47 19.43 4.91
CA MET A 41 -17.63 20.19 5.36
C MET A 41 -17.28 21.67 5.29
N PRO A 42 -18.29 22.55 5.15
CA PRO A 42 -17.96 23.99 5.07
C PRO A 42 -17.24 24.51 6.31
N GLY A 43 -17.49 23.92 7.48
CA GLY A 43 -16.81 24.35 8.68
C GLY A 43 -15.36 23.93 8.75
N SER A 44 -15.11 22.62 8.87
CA SER A 44 -13.75 22.09 9.01
C SER A 44 -13.84 20.58 8.94
N SER A 45 -12.69 19.92 9.17
CA SER A 45 -12.57 18.47 9.31
C SER A 45 -13.13 17.70 8.13
N PRO A 46 -12.47 17.72 6.97
CA PRO A 46 -12.90 16.85 5.87
C PRO A 46 -12.82 15.38 6.24
N ARG A 47 -13.79 14.61 5.75
CA ARG A 47 -13.90 13.19 6.03
C ARG A 47 -13.41 12.37 4.83
N LEU A 48 -13.64 11.07 4.88
CA LEU A 48 -13.19 10.13 3.86
C LEU A 48 -14.39 9.43 3.24
N LEU A 49 -14.23 8.99 1.99
CA LEU A 49 -15.30 8.32 1.26
C LEU A 49 -14.73 7.64 0.02
N ILE A 50 -15.29 6.48 -0.32
CA ILE A 50 -14.85 5.61 -1.41
C ILE A 50 -13.44 5.08 -1.18
N TYR A 51 -12.45 5.96 -1.26
CA TYR A 51 -11.06 5.71 -0.87
C TYR A 51 -10.39 4.55 -1.62
N ASP A 52 -11.09 3.91 -2.54
CA ASP A 52 -10.48 2.83 -3.32
C ASP A 52 -10.94 2.85 -4.77
N THR A 53 -11.74 3.84 -5.16
CA THR A 53 -12.28 4.02 -6.51
C THR A 53 -13.33 2.98 -6.85
N SER A 54 -13.47 1.96 -6.01
CA SER A 54 -14.51 0.95 -6.17
C SER A 54 -15.28 0.69 -4.89
N ASN A 55 -14.62 0.73 -3.74
CA ASN A 55 -15.31 0.50 -2.48
C ASN A 55 -16.28 1.63 -2.21
N LEU A 56 -17.38 1.30 -1.53
CA LEU A 56 -18.48 2.24 -1.34
C LEU A 56 -18.03 3.46 -0.56
N ALA A 57 -17.69 3.30 0.71
CA ALA A 57 -17.27 4.39 1.57
C ALA A 57 -16.82 3.81 2.90
N SER A 58 -16.51 4.67 3.85
CA SER A 58 -16.26 4.30 5.24
C SER A 58 -17.40 4.69 6.16
N GLY A 59 -17.97 5.88 5.97
CA GLY A 59 -19.09 6.32 6.78
C GLY A 59 -20.28 6.80 5.97
N VAL A 60 -20.07 7.10 4.70
CA VAL A 60 -21.15 7.62 3.86
C VAL A 60 -22.15 6.50 3.59
N PRO A 61 -23.45 6.71 3.79
CA PRO A 61 -24.45 5.63 3.67
C PRO A 61 -24.91 5.31 2.25
N VAL A 62 -24.14 4.48 1.57
CA VAL A 62 -24.56 3.77 0.36
C VAL A 62 -24.72 4.70 -0.84
N ARG A 63 -25.30 5.87 -0.63
CA ARG A 63 -25.68 6.74 -1.74
C ARG A 63 -24.49 7.09 -2.61
N PHE A 64 -23.39 7.51 -1.99
CA PHE A 64 -22.23 7.97 -2.74
C PHE A 64 -21.46 6.78 -3.30
N SER A 65 -21.10 6.86 -4.58
CA SER A 65 -20.36 5.79 -5.24
C SER A 65 -19.49 6.37 -6.33
N GLY A 66 -18.49 5.61 -6.73
CA GLY A 66 -17.58 6.05 -7.78
C GLY A 66 -17.02 4.86 -8.53
N SER A 67 -16.63 5.10 -9.78
CA SER A 67 -16.07 4.08 -10.64
C SER A 67 -14.74 4.57 -11.21
N GLY A 68 -13.83 3.64 -11.48
CA GLY A 68 -12.51 3.99 -11.93
C GLY A 68 -12.25 3.66 -13.39
N SER A 69 -11.27 4.35 -13.97
CA SER A 69 -10.86 4.12 -15.36
C SER A 69 -9.43 4.63 -15.51
N GLY A 70 -8.97 4.73 -16.76
CA GLY A 70 -7.63 5.24 -16.99
C GLY A 70 -7.47 6.69 -16.59
N THR A 71 -8.40 7.54 -16.99
CA THR A 71 -8.36 8.95 -16.66
C THR A 71 -9.62 9.45 -15.97
N SER A 72 -10.80 9.04 -16.42
CA SER A 72 -12.05 9.47 -15.80
C SER A 72 -12.30 8.67 -14.53
N TYR A 73 -12.96 9.30 -13.56
CA TYR A 73 -13.16 8.64 -12.28
C TYR A 73 -14.54 8.92 -11.69
N SER A 74 -15.53 9.18 -12.55
CA SER A 74 -16.95 9.10 -12.18
C SER A 74 -17.33 9.99 -11.00
N LEU A 75 -17.33 9.41 -9.80
CA LEU A 75 -17.81 10.06 -8.58
C LEU A 75 -19.28 10.46 -8.76
N THR A 76 -20.12 9.45 -8.90
CA THR A 76 -21.53 9.65 -9.23
C THR A 76 -22.34 9.75 -7.93
N ILE A 77 -23.01 10.90 -7.75
CA ILE A 77 -23.86 11.10 -6.58
C ILE A 77 -25.22 10.46 -6.83
N SER A 78 -25.82 9.91 -5.78
CA SER A 78 -27.11 9.24 -5.88
C SER A 78 -28.21 10.26 -6.20
N ARG A 79 -29.44 9.75 -6.34
CA ARG A 79 -30.53 10.60 -6.80
C ARG A 79 -30.95 11.62 -5.76
N MET A 80 -30.60 11.40 -4.49
CA MET A 80 -30.87 12.37 -3.44
C MET A 80 -29.54 12.96 -3.00
N GLU A 81 -29.47 14.29 -2.94
CA GLU A 81 -28.26 14.99 -2.49
C GLU A 81 -28.62 16.21 -1.65
N ALA A 82 -29.70 16.11 -0.86
CA ALA A 82 -30.00 17.17 0.10
C ALA A 82 -28.81 17.35 1.03
N GLU A 83 -28.52 18.61 1.38
CA GLU A 83 -27.28 19.03 2.04
C GLU A 83 -26.14 18.48 1.18
N ASP A 84 -25.20 17.72 1.73
CA ASP A 84 -24.04 17.22 0.97
C ASP A 84 -23.34 18.36 0.25
N ALA A 85 -23.25 19.50 0.93
CA ALA A 85 -22.79 20.74 0.32
C ALA A 85 -21.27 20.82 0.38
N ALA A 86 -20.74 22.01 0.12
CA ALA A 86 -19.32 22.32 0.25
C ALA A 86 -18.48 21.63 -0.81
N THR A 87 -17.26 21.22 -0.45
CA THR A 87 -16.23 20.88 -1.41
C THR A 87 -15.92 19.40 -1.41
N TYR A 88 -15.74 18.85 -2.61
CA TYR A 88 -15.20 17.51 -2.81
C TYR A 88 -13.84 17.64 -3.48
N TYR A 89 -12.81 17.16 -2.81
CA TYR A 89 -11.43 17.30 -3.30
C TYR A 89 -11.08 16.07 -4.13
N CYS A 90 -9.80 15.88 -4.43
CA CYS A 90 -9.33 14.71 -5.16
C CYS A 90 -7.91 14.39 -4.71
N GLN A 91 -7.51 13.14 -4.93
CA GLN A 91 -6.17 12.69 -4.54
C GLN A 91 -5.83 11.42 -5.30
N GLN A 92 -4.57 11.33 -5.73
CA GLN A 92 -4.08 10.15 -6.42
C GLN A 92 -2.80 9.67 -5.77
N TRP A 93 -2.49 8.39 -5.97
CA TRP A 93 -1.26 7.79 -5.50
C TRP A 93 -0.61 7.07 -6.69
N SER A 94 0.47 7.65 -7.20
CA SER A 94 1.14 7.13 -8.39
C SER A 94 2.26 6.16 -8.06
N ASN A 95 2.22 5.54 -6.87
CA ASN A 95 3.14 4.50 -6.43
C ASN A 95 4.57 4.99 -6.20
N TYR A 96 4.80 6.29 -6.24
CA TYR A 96 6.05 6.88 -5.79
C TYR A 96 5.71 8.13 -4.99
N PRO A 97 6.58 8.56 -4.07
CA PRO A 97 6.12 9.30 -2.87
C PRO A 97 5.27 10.53 -3.16
N PRO A 98 5.75 11.54 -3.93
CA PRO A 98 5.13 12.87 -3.79
C PRO A 98 3.64 12.90 -4.10
N LEU A 99 2.83 13.17 -3.08
CA LEU A 99 1.39 13.29 -3.25
C LEU A 99 1.05 14.60 -3.95
N THR A 100 -0.12 14.62 -4.59
CA THR A 100 -0.51 15.75 -5.42
C THR A 100 -1.77 16.45 -4.95
N PHE A 101 -2.87 15.71 -4.76
CA PHE A 101 -4.18 16.29 -4.52
C PHE A 101 -4.61 17.15 -5.70
N GLY A 102 -5.80 17.76 -5.62
CA GLY A 102 -6.32 18.55 -6.72
C GLY A 102 -7.09 19.75 -6.22
N ALA A 103 -7.48 20.59 -7.18
CA ALA A 103 -8.25 21.78 -6.87
C ALA A 103 -9.66 21.40 -6.42
N GLY A 104 -10.28 22.29 -5.64
CA GLY A 104 -11.59 22.02 -5.07
C GLY A 104 -12.72 22.27 -6.04
N THR A 105 -13.94 22.06 -5.53
CA THR A 105 -15.16 22.25 -6.28
C THR A 105 -16.27 22.58 -5.30
N LYS A 106 -17.28 23.30 -5.78
CA LYS A 106 -18.37 23.74 -4.92
C LYS A 106 -19.69 23.19 -5.43
N LEU A 107 -20.66 23.08 -4.53
CA LEU A 107 -22.00 22.62 -4.85
C LEU A 107 -23.01 23.51 -4.14
N GLU A 108 -24.29 23.22 -4.37
CA GLU A 108 -25.37 23.98 -3.75
C GLU A 108 -26.42 23.04 -3.16
N GLU B 4 -10.72 8.44 19.07
CA GLU B 4 -10.95 8.84 17.69
C GLU B 4 -11.05 10.35 17.57
N VAL B 5 -11.18 11.02 18.71
CA VAL B 5 -11.27 12.48 18.73
C VAL B 5 -9.87 13.06 18.65
N GLN B 6 -9.43 13.41 17.45
CA GLN B 6 -8.10 13.98 17.27
C GLN B 6 -8.10 15.44 17.73
N LEU B 7 -7.09 15.79 18.52
CA LEU B 7 -6.93 17.16 19.00
C LEU B 7 -5.56 17.67 18.57
N VAL B 8 -5.54 18.89 18.03
CA VAL B 8 -4.32 19.44 17.44
C VAL B 8 -4.05 20.80 18.07
N GLU B 9 -4.84 21.15 19.09
CA GLU B 9 -4.74 22.45 19.73
C GLU B 9 -3.31 22.72 20.18
N SER B 10 -2.69 23.71 19.57
CA SER B 10 -1.28 24.01 19.81
C SER B 10 -1.09 25.52 19.61
N GLY B 11 0.15 25.94 19.43
CA GLY B 11 0.44 27.35 19.26
C GLY B 11 0.30 27.77 17.81
N GLY B 12 1.36 28.30 17.23
CA GLY B 12 1.31 28.74 15.85
C GLY B 12 0.75 30.13 15.66
N ASP B 13 0.86 30.98 16.66
CA ASP B 13 0.43 32.37 16.50
C ASP B 13 1.33 33.08 15.48
N LEU B 14 0.85 34.22 14.99
CA LEU B 14 1.58 34.92 13.93
C LEU B 14 2.97 35.30 14.42
N VAL B 15 3.98 35.01 13.58
CA VAL B 15 5.37 35.24 13.92
C VAL B 15 6.09 35.84 12.73
N LYS B 16 7.22 36.48 13.02
CA LYS B 16 8.07 37.02 11.97
C LYS B 16 8.71 35.87 11.18
N PRO B 17 9.14 36.14 9.94
CA PRO B 17 9.72 35.05 9.13
C PRO B 17 11.05 34.55 9.67
N GLY B 18 11.00 33.89 10.82
CA GLY B 18 12.17 33.28 11.42
C GLY B 18 11.86 31.92 12.01
N GLY B 19 10.61 31.49 11.86
CA GLY B 19 10.21 30.19 12.37
C GLY B 19 10.30 30.14 13.89
N SER B 20 11.00 29.13 14.40
CA SER B 20 11.23 28.95 15.83
C SER B 20 9.90 28.81 16.59
N LEU B 21 9.14 27.77 16.22
CA LEU B 21 7.90 27.44 16.89
C LEU B 21 7.58 25.98 16.63
N LYS B 22 6.69 25.43 17.46
CA LYS B 22 6.42 24.01 17.50
C LYS B 22 4.92 23.76 17.44
N LEU B 23 4.54 22.66 16.79
CA LEU B 23 3.16 22.20 16.72
C LEU B 23 3.03 20.87 17.47
N SER B 24 1.86 20.65 18.07
CA SER B 24 1.63 19.48 18.88
C SER B 24 0.27 18.87 18.55
N CYS B 25 0.12 17.58 18.84
CA CYS B 25 -1.11 16.85 18.62
C CYS B 25 -1.34 15.91 19.79
N ALA B 26 -2.61 15.54 19.98
CA ALA B 26 -2.98 14.65 21.07
C ALA B 26 -4.18 13.81 20.65
N ALA B 27 -4.22 12.58 21.15
CA ALA B 27 -5.33 11.66 20.93
C ALA B 27 -6.02 11.37 22.25
N SER B 28 -7.33 11.55 22.30
CA SER B 28 -8.06 11.42 23.56
C SER B 28 -8.26 9.96 23.94
N GLY B 29 -8.99 9.21 23.12
CA GLY B 29 -9.24 7.81 23.40
C GLY B 29 -8.65 6.90 22.35
N PHE B 30 -8.01 7.50 21.36
CA PHE B 30 -7.40 6.75 20.28
C PHE B 30 -6.14 6.01 20.75
N THR B 31 -5.94 4.82 20.20
CA THR B 31 -4.72 4.05 20.47
C THR B 31 -3.62 4.58 19.56
N PHE B 32 -2.64 5.27 20.14
CA PHE B 32 -1.61 5.95 19.38
C PHE B 32 -0.32 5.16 19.28
N SER B 33 -0.28 3.95 19.85
CA SER B 33 0.98 3.20 19.94
C SER B 33 1.48 2.79 18.56
N SER B 34 0.61 2.23 17.73
CA SER B 34 1.01 1.66 16.45
C SER B 34 0.13 2.22 15.33
N TYR B 35 0.49 3.39 14.83
CA TYR B 35 -0.25 4.04 13.74
C TYR B 35 0.68 5.02 13.05
N GLY B 36 0.29 5.41 11.85
CA GLY B 36 1.06 6.34 11.03
C GLY B 36 0.39 7.70 10.99
N MET B 37 1.20 8.75 11.04
CA MET B 37 0.71 10.12 11.11
C MET B 37 1.20 10.91 9.91
N SER B 38 0.59 12.07 9.70
CA SER B 38 0.93 12.92 8.57
C SER B 38 0.39 14.32 8.83
N TRP B 39 0.84 15.26 8.01
CA TRP B 39 0.42 16.65 8.12
C TRP B 39 -0.08 17.13 6.76
N VAL B 40 -1.18 17.87 6.79
CA VAL B 40 -1.79 18.41 5.58
C VAL B 40 -1.62 19.93 5.60
N ARG B 41 -0.91 20.45 4.60
CA ARG B 41 -0.69 21.88 4.46
C ARG B 41 -1.75 22.40 3.49
N GLN B 42 -2.82 22.97 4.03
CA GLN B 42 -3.93 23.47 3.24
C GLN B 42 -3.73 24.97 3.02
N THR B 43 -3.50 25.36 1.77
CA THR B 43 -3.35 26.76 1.44
C THR B 43 -4.63 27.51 1.77
N PRO B 44 -4.53 28.79 2.15
CA PRO B 44 -5.70 29.48 2.72
C PRO B 44 -6.91 29.51 1.80
N ASP B 45 -6.71 29.68 0.49
CA ASP B 45 -7.86 29.88 -0.39
C ASP B 45 -8.51 28.57 -0.82
N LYS B 46 -7.82 27.77 -1.64
CA LYS B 46 -8.46 26.58 -2.19
C LYS B 46 -7.69 25.27 -1.98
N ARG B 47 -6.39 25.25 -2.28
CA ARG B 47 -5.68 23.99 -2.42
C ARG B 47 -5.17 23.47 -1.08
N LEU B 48 -4.64 22.24 -1.13
CA LEU B 48 -3.90 21.66 -0.02
C LEU B 48 -2.81 20.77 -0.59
N GLU B 49 -1.72 20.63 0.15
CA GLU B 49 -0.59 19.82 -0.26
C GLU B 49 -0.15 18.93 0.90
N TRP B 50 0.69 17.96 0.59
CA TRP B 50 1.15 16.96 1.54
C TRP B 50 2.57 17.29 1.99
N VAL B 51 2.84 17.11 3.28
CA VAL B 51 4.13 17.46 3.85
C VAL B 51 4.30 16.73 5.17
N ALA B 52 5.52 16.28 5.43
CA ALA B 52 5.95 15.81 6.75
C ALA B 52 5.10 14.63 7.24
N THR B 53 5.27 13.52 6.54
CA THR B 53 4.62 12.26 6.89
C THR B 53 5.66 11.28 7.43
N ILE B 54 5.37 10.67 8.58
CA ILE B 54 6.23 9.67 9.18
C ILE B 54 5.44 8.40 9.41
N SER B 55 6.17 7.31 9.62
CA SER B 55 5.58 6.01 9.89
C SER B 55 5.66 5.71 11.38
N THR B 56 5.13 4.55 11.77
CA THR B 56 5.11 4.17 13.17
C THR B 56 6.51 3.79 13.65
N GLY B 57 6.70 3.88 14.97
CA GLY B 57 7.95 3.53 15.59
C GLY B 57 9.00 4.62 15.61
N GLY B 58 8.74 5.75 14.98
CA GLY B 58 9.71 6.85 14.98
C GLY B 58 11.03 6.49 14.36
N SER B 59 11.01 5.71 13.28
CA SER B 59 12.24 5.27 12.62
C SER B 59 12.31 5.70 11.16
N TYR B 60 11.21 5.63 10.43
CA TYR B 60 11.17 6.00 9.02
C TYR B 60 10.35 7.26 8.85
N THR B 61 10.95 8.27 8.22
CA THR B 61 10.28 9.53 7.95
C THR B 61 10.38 9.84 6.45
N ASP B 62 9.59 10.81 6.01
CA ASP B 62 9.59 11.21 4.62
C ASP B 62 9.12 12.65 4.52
N TYR B 63 9.57 13.33 3.45
CA TYR B 63 9.21 14.71 3.20
C TYR B 63 9.07 14.92 1.71
N PRO B 64 8.24 15.86 1.28
CA PRO B 64 8.19 16.21 -0.14
C PRO B 64 9.44 16.98 -0.55
N ASP B 65 9.72 16.97 -1.85
CA ASP B 65 10.91 17.64 -2.36
C ASP B 65 10.66 19.13 -2.55
N SER B 66 10.10 19.78 -1.53
CA SER B 66 9.90 21.23 -1.56
C SER B 66 10.43 21.84 -0.26
N VAL B 67 10.37 21.07 0.82
CA VAL B 67 10.81 21.54 2.14
C VAL B 67 11.76 20.51 2.74
N LYS B 68 12.40 19.72 1.87
CA LYS B 68 13.31 18.69 2.35
C LYS B 68 14.51 19.34 3.03
N GLY B 69 14.92 18.76 4.16
CA GLY B 69 16.03 19.27 4.93
C GLY B 69 15.73 20.46 5.78
N ARG B 70 14.47 20.91 5.84
CA ARG B 70 14.09 22.05 6.64
C ARG B 70 13.04 21.74 7.70
N PHE B 71 12.30 20.64 7.56
CA PHE B 71 11.25 20.27 8.51
C PHE B 71 11.63 18.96 9.18
N THR B 72 11.49 18.90 10.50
CA THR B 72 11.81 17.71 11.26
C THR B 72 10.63 17.33 12.15
N ILE B 73 10.38 16.04 12.28
CA ILE B 73 9.29 15.51 13.09
C ILE B 73 9.88 14.63 14.18
N SER B 74 9.48 14.89 15.43
CA SER B 74 9.83 14.07 16.56
C SER B 74 8.55 13.55 17.21
N ARG B 75 8.49 12.24 17.42
CA ARG B 75 7.34 11.61 18.05
C ARG B 75 7.79 10.75 19.22
N ASP B 76 6.98 10.73 20.28
CA ASP B 76 7.20 9.84 21.41
C ASP B 76 5.92 9.06 21.69
N ASN B 77 6.08 7.83 22.16
CA ASN B 77 4.92 7.01 22.52
C ASN B 77 4.30 7.45 23.83
N ALA B 78 5.06 8.12 24.70
CA ALA B 78 4.51 8.59 25.95
C ALA B 78 3.53 9.73 25.72
N LYS B 79 2.53 9.81 26.61
CA LYS B 79 1.53 10.88 26.69
C LYS B 79 0.85 11.17 25.35
N ASN B 80 0.97 10.26 24.40
CA ASN B 80 0.24 10.30 23.13
C ASN B 80 0.35 11.66 22.45
N THR B 81 1.59 12.05 22.14
CA THR B 81 1.85 13.34 21.52
C THR B 81 2.86 13.18 20.39
N LEU B 82 2.77 14.10 19.43
CA LEU B 82 3.75 14.19 18.36
C LEU B 82 4.12 15.66 18.19
N TYR B 83 5.34 15.90 17.72
CA TYR B 83 5.86 17.25 17.59
C TYR B 83 6.36 17.48 16.17
N LEU B 84 6.03 18.64 15.63
CA LEU B 84 6.55 19.10 14.34
C LEU B 84 7.38 20.35 14.57
N GLN B 85 8.56 20.39 13.99
CA GLN B 85 9.48 21.51 14.16
C GLN B 85 9.32 22.47 12.98
N MET B 86 8.87 23.68 13.26
CA MET B 86 8.76 24.75 12.27
C MET B 86 10.05 25.55 12.36
N SER B 87 11.01 25.24 11.49
CA SER B 87 12.36 25.79 11.63
C SER B 87 12.40 27.25 11.19
N SER B 88 12.12 27.51 9.91
CA SER B 88 12.20 28.87 9.37
C SER B 88 11.29 28.97 8.17
N LEU B 89 10.52 30.06 8.09
CA LEU B 89 9.60 30.27 6.99
C LEU B 89 10.27 31.09 5.90
N LYS B 90 9.61 31.16 4.74
CA LYS B 90 10.06 31.98 3.62
C LYS B 90 9.04 33.06 3.26
N SER B 91 8.27 33.52 4.25
CA SER B 91 7.13 34.42 4.10
C SER B 91 5.96 33.74 3.40
N GLU B 92 6.12 32.49 2.97
CA GLU B 92 5.07 31.70 2.37
C GLU B 92 4.63 30.65 3.40
N ASP B 93 3.66 29.82 3.03
CA ASP B 93 3.11 28.76 3.87
C ASP B 93 2.35 29.32 5.06
N THR B 94 1.97 30.59 5.00
CA THR B 94 1.17 31.19 6.07
C THR B 94 -0.26 30.69 5.97
N ALA B 95 -0.45 29.40 6.20
CA ALA B 95 -1.74 28.75 6.02
C ALA B 95 -2.01 27.83 7.19
N MET B 96 -3.29 27.62 7.48
CA MET B 96 -3.68 26.83 8.64
C MET B 96 -3.41 25.35 8.36
N TYR B 97 -2.99 24.63 9.42
CA TYR B 97 -2.48 23.28 9.29
C TYR B 97 -3.49 22.23 9.73
N TYR B 98 -3.31 21.03 9.18
CA TYR B 98 -4.10 19.85 9.51
C TYR B 98 -3.18 18.71 9.90
N CYS B 99 -3.59 17.92 10.88
CA CYS B 99 -2.89 16.71 11.26
C CYS B 99 -3.74 15.50 10.88
N GLY B 100 -3.09 14.43 10.42
CA GLY B 100 -3.79 13.31 9.85
C GLY B 100 -3.38 11.99 10.49
N ARG B 101 -4.16 10.96 10.19
CA ARG B 101 -3.93 9.61 10.66
C ARG B 101 -3.95 8.65 9.49
N THR B 102 -3.05 7.67 9.49
CA THR B 102 -3.01 6.66 8.46
C THR B 102 -2.47 5.36 9.05
N PHE B 103 -2.81 4.26 8.40
CA PHE B 103 -2.19 2.99 8.75
C PHE B 103 -0.78 2.96 8.18
N THR B 104 0.06 2.08 8.74
CA THR B 104 1.48 2.19 8.46
C THR B 104 1.88 1.81 7.04
N VAL B 105 1.18 0.89 6.37
CA VAL B 105 1.58 0.61 5.00
C VAL B 105 0.42 0.57 4.01
N PRO B 106 -0.68 1.27 4.27
CA PRO B 106 -1.24 2.16 3.25
C PRO B 106 -0.84 3.60 3.57
N TYR B 107 0.46 3.91 3.58
CA TYR B 107 0.88 5.23 4.04
C TYR B 107 0.38 6.34 3.11
N TRP B 108 0.12 6.01 1.84
CA TRP B 108 -0.62 6.92 0.99
C TRP B 108 -2.08 6.93 1.39
N TYR B 109 -2.75 8.06 1.17
CA TYR B 109 -4.10 8.45 1.57
C TYR B 109 -4.19 8.44 3.09
N PHE B 110 -4.93 9.40 3.65
CA PHE B 110 -5.10 9.50 5.08
C PHE B 110 -6.46 8.93 5.46
N ASP B 111 -6.84 9.12 6.72
CA ASP B 111 -8.09 8.61 7.26
C ASP B 111 -8.70 9.74 8.08
N VAL B 112 -9.71 9.44 8.89
CA VAL B 112 -10.44 10.47 9.63
C VAL B 112 -9.45 11.30 10.47
N TRP B 113 -9.58 12.62 10.37
CA TRP B 113 -8.74 13.54 11.14
C TRP B 113 -9.62 14.61 11.76
N GLY B 114 -9.12 15.20 12.83
CA GLY B 114 -9.85 16.22 13.57
C GLY B 114 -9.66 17.60 12.97
N THR B 115 -9.92 18.60 13.80
CA THR B 115 -9.80 19.99 13.38
C THR B 115 -8.33 20.35 13.16
N GLY B 116 -8.10 21.62 12.83
CA GLY B 116 -6.76 22.09 12.56
C GLY B 116 -6.52 23.46 13.14
N THR B 117 -5.25 23.76 13.35
CA THR B 117 -4.81 25.05 13.87
C THR B 117 -4.34 25.94 12.72
N THR B 118 -4.01 27.19 13.05
CA THR B 118 -3.60 28.18 12.07
C THR B 118 -2.21 28.69 12.39
N VAL B 119 -1.52 29.16 11.35
CA VAL B 119 -0.21 29.78 11.51
C VAL B 119 -0.01 30.74 10.34
N THR B 120 0.46 31.96 10.66
CA THR B 120 0.65 33.00 9.67
C THR B 120 1.98 33.69 9.91
N VAL B 121 2.51 34.30 8.84
CA VAL B 121 3.76 35.04 8.92
C VAL B 121 3.63 36.36 8.18
N ALA C 2 -10.14 -15.84 -14.59
CA ALA C 2 -10.86 -16.36 -15.74
C ALA C 2 -9.93 -17.15 -16.65
N LYS C 3 -9.67 -16.58 -17.83
CA LYS C 3 -8.78 -17.17 -18.81
C LYS C 3 -7.52 -16.32 -18.93
N LEU C 4 -6.69 -16.64 -19.91
CA LEU C 4 -5.44 -15.91 -20.14
C LEU C 4 -5.71 -14.79 -21.14
N GLU C 5 -5.70 -13.55 -20.63
CA GLU C 5 -5.80 -12.37 -21.49
C GLU C 5 -4.57 -11.49 -21.28
N THR C 6 -4.39 -10.55 -22.20
CA THR C 6 -3.28 -9.61 -22.09
C THR C 6 -3.42 -8.80 -20.81
N VAL C 7 -2.33 -8.71 -20.06
CA VAL C 7 -2.30 -8.00 -18.77
C VAL C 7 -1.34 -6.83 -18.90
N THR C 8 -1.83 -5.64 -18.56
CA THR C 8 -1.07 -4.40 -18.70
C THR C 8 -0.77 -3.86 -17.30
N LEU C 9 0.44 -4.11 -16.82
CA LEU C 9 0.85 -3.58 -15.53
C LEU C 9 1.11 -2.08 -15.64
N GLY C 10 1.05 -1.40 -14.50
CA GLY C 10 1.26 0.04 -14.49
C GLY C 10 2.04 0.55 -13.30
N ASN C 11 2.85 1.57 -13.54
CA ASN C 11 3.61 2.27 -12.49
C ASN C 11 4.50 1.29 -11.71
N ILE C 12 5.47 0.74 -12.45
CA ILE C 12 6.40 -0.23 -11.91
C ILE C 12 7.77 0.43 -11.79
N GLY C 13 8.40 0.29 -10.63
CA GLY C 13 9.74 0.79 -10.41
C GLY C 13 9.74 1.98 -9.45
N LYS C 14 10.95 2.54 -9.29
CA LYS C 14 11.12 3.69 -8.40
C LYS C 14 10.29 4.89 -8.87
N ASP C 15 10.46 5.28 -10.14
CA ASP C 15 9.75 6.43 -10.66
C ASP C 15 8.33 6.10 -11.11
N GLY C 16 8.00 4.83 -11.28
CA GLY C 16 6.69 4.47 -11.78
C GLY C 16 6.48 4.77 -13.25
N LYS C 17 7.55 5.11 -13.97
CA LYS C 17 7.46 5.43 -15.39
C LYS C 17 7.71 4.23 -16.29
N GLN C 18 7.97 3.06 -15.72
CA GLN C 18 8.21 1.85 -16.48
C GLN C 18 6.92 1.01 -16.45
N THR C 19 6.31 0.82 -17.61
CA THR C 19 5.09 0.05 -17.74
C THR C 19 5.39 -1.26 -18.46
N LEU C 20 4.76 -2.33 -17.99
CA LEU C 20 4.99 -3.67 -18.53
C LEU C 20 3.68 -4.21 -19.11
N VAL C 21 3.75 -4.74 -20.32
CA VAL C 21 2.62 -5.36 -20.98
C VAL C 21 2.97 -6.82 -21.25
N LEU C 22 2.03 -7.72 -20.94
CA LEU C 22 2.26 -9.16 -21.06
C LEU C 22 1.18 -9.77 -21.94
N ASN C 23 1.60 -10.62 -22.89
CA ASN C 23 0.68 -11.37 -23.72
C ASN C 23 0.79 -12.85 -23.38
N PRO C 24 -0.34 -13.55 -23.21
CA PRO C 24 -0.27 -14.97 -22.83
C PRO C 24 0.43 -15.79 -23.89
N ARG C 25 1.19 -16.79 -23.43
CA ARG C 25 1.90 -17.71 -24.32
C ARG C 25 1.32 -19.11 -24.27
N GLY C 26 0.12 -19.28 -23.75
CA GLY C 26 -0.52 -20.58 -23.67
C GLY C 26 -0.04 -21.38 -22.47
N VAL C 27 -0.70 -22.53 -22.28
CA VAL C 27 -0.40 -23.42 -21.17
C VAL C 27 0.11 -24.74 -21.74
N ASN C 28 1.25 -25.20 -21.22
CA ASN C 28 1.80 -26.46 -21.66
C ASN C 28 1.04 -27.63 -21.06
N PRO C 29 1.03 -28.78 -21.72
CA PRO C 29 0.34 -29.97 -21.19
C PRO C 29 1.20 -30.99 -20.48
N THR C 30 2.50 -30.75 -20.29
CA THR C 30 3.34 -31.69 -19.57
C THR C 30 2.94 -31.78 -18.11
N ASN C 31 2.81 -30.63 -17.44
CA ASN C 31 2.44 -30.61 -16.03
C ASN C 31 1.45 -29.50 -15.68
N GLY C 32 0.80 -28.92 -16.69
CA GLY C 32 -0.28 -27.97 -16.44
C GLY C 32 0.09 -26.67 -15.76
N VAL C 33 1.17 -26.01 -16.21
CA VAL C 33 1.54 -24.68 -15.73
C VAL C 33 1.30 -23.68 -16.85
N ALA C 34 0.64 -22.58 -16.51
CA ALA C 34 0.45 -21.50 -17.47
C ALA C 34 1.75 -20.71 -17.64
N SER C 35 1.75 -19.83 -18.62
CA SER C 35 2.95 -19.03 -18.89
C SER C 35 2.54 -17.71 -19.53
N LEU C 36 3.34 -16.68 -19.28
CA LEU C 36 3.18 -15.38 -19.89
C LEU C 36 4.52 -14.94 -20.48
N SER C 37 4.52 -13.82 -21.18
CA SER C 37 5.73 -13.34 -21.84
C SER C 37 5.63 -11.84 -22.01
N GLN C 38 6.77 -11.22 -22.32
CA GLN C 38 6.87 -9.79 -22.50
C GLN C 38 6.85 -9.49 -24.00
N ALA C 39 5.91 -8.64 -24.42
CA ALA C 39 5.72 -8.36 -25.83
C ALA C 39 6.91 -7.63 -26.43
N GLY C 40 7.10 -7.79 -27.73
CA GLY C 40 8.20 -7.12 -28.39
C GLY C 40 9.46 -7.96 -28.52
N ALA C 41 10.38 -7.79 -27.58
CA ALA C 41 11.72 -8.36 -27.62
C ALA C 41 11.75 -9.84 -27.99
N VAL C 42 12.87 -10.27 -28.59
CA VAL C 42 13.04 -11.65 -29.04
C VAL C 42 12.90 -12.59 -27.85
N PRO C 43 12.30 -13.78 -28.02
CA PRO C 43 12.22 -14.73 -26.90
C PRO C 43 13.59 -15.08 -26.33
N ALA C 44 13.55 -15.66 -25.14
CA ALA C 44 14.71 -16.00 -24.30
C ALA C 44 15.39 -14.76 -23.72
N LEU C 45 14.85 -13.57 -23.96
CA LEU C 45 15.40 -12.33 -23.43
C LEU C 45 14.30 -11.46 -22.85
N GLU C 46 13.37 -12.07 -22.13
CA GLU C 46 12.16 -11.37 -21.70
C GLU C 46 11.72 -11.85 -20.33
N LYS C 47 10.86 -11.06 -19.70
CA LYS C 47 10.25 -11.44 -18.44
C LYS C 47 9.35 -12.64 -18.63
N ARG C 48 9.29 -13.49 -17.61
CA ARG C 48 8.45 -14.68 -17.62
C ARG C 48 7.63 -14.73 -16.34
N VAL C 49 6.33 -15.02 -16.49
CA VAL C 49 5.42 -15.19 -15.36
C VAL C 49 4.67 -16.50 -15.57
N THR C 50 4.74 -17.38 -14.58
CA THR C 50 4.08 -18.68 -14.63
C THR C 50 3.17 -18.83 -13.43
N VAL C 51 1.91 -19.23 -13.68
CA VAL C 51 0.93 -19.45 -12.63
C VAL C 51 0.38 -20.86 -12.78
N SER C 52 0.37 -21.61 -11.69
CA SER C 52 -0.12 -22.98 -11.69
C SER C 52 -1.02 -23.24 -10.50
N VAL C 53 -2.10 -23.96 -10.73
CA VAL C 53 -3.03 -24.37 -9.68
C VAL C 53 -3.09 -25.89 -9.68
N SER C 54 -2.77 -26.50 -8.55
CA SER C 54 -2.71 -27.95 -8.46
C SER C 54 -4.02 -28.49 -7.91
N GLN C 55 -4.05 -29.81 -7.72
CA GLN C 55 -5.20 -30.53 -7.19
C GLN C 55 -4.71 -31.48 -6.10
N PRO C 56 -5.59 -31.86 -5.16
CA PRO C 56 -5.17 -32.79 -4.11
C PRO C 56 -4.68 -34.11 -4.70
N SER C 57 -3.64 -34.66 -4.09
CA SER C 57 -3.00 -35.88 -4.57
C SER C 57 -2.93 -36.90 -3.43
N ARG C 58 -2.48 -38.10 -3.77
CA ARG C 58 -2.25 -39.13 -2.76
C ARG C 58 -1.20 -38.68 -1.75
N ASN C 59 -0.22 -37.90 -2.18
CA ASN C 59 0.84 -37.41 -1.30
C ASN C 59 0.56 -36.02 -0.75
N ARG C 60 0.10 -35.10 -1.59
CA ARG C 60 -0.20 -33.73 -1.18
C ARG C 60 -1.73 -33.59 -1.12
N LYS C 61 -2.28 -33.74 0.07
CA LYS C 61 -3.72 -33.63 0.25
C LYS C 61 -4.17 -32.17 0.10
N ASN C 62 -3.45 -31.25 0.71
CA ASN C 62 -3.81 -29.84 0.65
C ASN C 62 -3.55 -29.26 -0.74
N TYR C 63 -4.21 -28.14 -1.02
CA TYR C 63 -4.03 -27.45 -2.28
C TYR C 63 -2.66 -26.79 -2.35
N LYS C 64 -2.26 -26.44 -3.57
CA LYS C 64 -0.96 -25.80 -3.80
C LYS C 64 -1.07 -24.93 -5.04
N VAL C 65 -0.95 -23.61 -4.86
CA VAL C 65 -0.88 -22.67 -5.97
C VAL C 65 0.43 -21.90 -5.84
N GLN C 66 1.19 -21.86 -6.94
CA GLN C 66 2.49 -21.21 -6.93
C GLN C 66 2.64 -20.29 -8.14
N VAL C 67 3.37 -19.20 -7.93
CA VAL C 67 3.65 -18.22 -8.97
C VAL C 67 5.15 -18.05 -9.06
N LYS C 68 5.73 -18.39 -10.21
CA LYS C 68 7.16 -18.26 -10.44
C LYS C 68 7.39 -17.15 -11.45
N ILE C 69 8.21 -16.17 -11.06
CA ILE C 69 8.55 -15.05 -11.92
C ILE C 69 10.07 -14.90 -11.95
N GLN C 70 10.62 -14.74 -13.14
CA GLN C 70 12.06 -14.59 -13.29
C GLN C 70 12.34 -13.85 -14.59
N ASN C 71 13.39 -13.04 -14.57
CA ASN C 71 13.70 -12.21 -15.73
C ASN C 71 15.19 -11.93 -15.82
N PRO C 72 15.83 -12.32 -16.92
CA PRO C 72 17.24 -11.96 -17.12
C PRO C 72 17.40 -10.66 -17.89
N THR C 73 18.47 -9.95 -17.57
CA THR C 73 18.82 -8.69 -18.23
C THR C 73 20.21 -8.84 -18.83
N ALA C 74 20.27 -9.00 -20.15
CA ALA C 74 21.54 -9.23 -20.83
C ALA C 74 22.24 -7.91 -21.11
N CYS C 75 23.48 -8.03 -21.59
CA CYS C 75 24.29 -6.88 -21.98
C CYS C 75 24.95 -7.17 -23.32
N THR C 76 25.27 -6.10 -24.04
CA THR C 76 25.90 -6.22 -25.35
C THR C 76 27.32 -6.78 -25.23
N CYS C 81 26.79 -9.86 -32.14
CA CYS C 81 25.70 -9.67 -33.08
C CYS C 81 24.36 -9.61 -32.36
N ASP C 82 24.16 -10.52 -31.41
CA ASP C 82 22.94 -10.59 -30.64
C ASP C 82 23.26 -10.63 -29.16
N PRO C 83 22.37 -10.11 -28.31
CA PRO C 83 22.62 -10.13 -26.87
C PRO C 83 22.67 -11.55 -26.34
N SER C 84 23.51 -11.75 -25.32
CA SER C 84 23.68 -13.04 -24.68
C SER C 84 23.28 -12.92 -23.21
N VAL C 85 22.49 -13.88 -22.74
CA VAL C 85 22.01 -13.85 -21.37
C VAL C 85 23.20 -13.91 -20.41
N THR C 86 23.10 -13.16 -19.32
CA THR C 86 24.18 -13.08 -18.33
C THR C 86 23.78 -13.64 -16.98
N ARG C 87 22.68 -13.16 -16.40
CA ARG C 87 22.27 -13.59 -15.07
C ARG C 87 20.77 -13.39 -14.93
N GLN C 88 20.21 -14.05 -13.92
CA GLN C 88 18.76 -14.08 -13.72
C GLN C 88 18.43 -13.58 -12.32
N ALA C 89 17.14 -13.28 -12.12
CA ALA C 89 16.61 -12.87 -10.82
C ALA C 89 15.38 -13.71 -10.53
N TYR C 90 15.59 -14.88 -9.95
CA TYR C 90 14.48 -15.78 -9.64
C TYR C 90 13.63 -15.21 -8.52
N ALA C 91 12.33 -15.51 -8.57
CA ALA C 91 11.40 -15.10 -7.52
C ALA C 91 10.16 -15.96 -7.63
N ASP C 92 9.89 -16.75 -6.60
CA ASP C 92 8.73 -17.63 -6.59
C ASP C 92 7.88 -17.39 -5.36
N VAL C 93 6.58 -17.64 -5.50
CA VAL C 93 5.60 -17.45 -4.43
C VAL C 93 4.73 -18.70 -4.41
N THR C 94 4.67 -19.36 -3.26
CA THR C 94 3.88 -20.57 -3.10
C THR C 94 2.92 -20.41 -1.92
N PHE C 95 1.69 -20.85 -2.11
CA PHE C 95 0.68 -20.87 -1.06
C PHE C 95 0.38 -22.31 -0.67
N SER C 96 -0.55 -22.48 0.26
CA SER C 96 -1.00 -23.81 0.68
C SER C 96 -2.32 -23.65 1.41
N PHE C 97 -3.35 -24.34 0.94
CA PHE C 97 -4.68 -24.27 1.53
C PHE C 97 -5.23 -25.67 1.70
N THR C 98 -6.02 -25.85 2.76
CA THR C 98 -6.71 -27.12 2.99
C THR C 98 -8.05 -27.11 2.26
N GLN C 99 -8.55 -28.32 1.99
CA GLN C 99 -9.80 -28.44 1.25
C GLN C 99 -10.97 -27.85 2.02
N TYR C 100 -10.88 -27.76 3.34
CA TYR C 100 -11.92 -27.19 4.16
C TYR C 100 -11.79 -25.68 4.32
N SER C 101 -10.73 -25.08 3.79
CA SER C 101 -10.53 -23.65 3.94
C SER C 101 -11.59 -22.87 3.18
N THR C 102 -11.96 -21.72 3.72
CA THR C 102 -12.98 -20.87 3.12
C THR C 102 -12.35 -19.87 2.15
N ASP C 103 -13.20 -19.14 1.45
CA ASP C 103 -12.69 -18.12 0.53
C ASP C 103 -12.17 -16.89 1.28
N GLU C 104 -12.78 -16.59 2.43
CA GLU C 104 -12.40 -15.39 3.17
C GLU C 104 -10.94 -15.46 3.60
N GLU C 105 -10.50 -16.59 4.15
CA GLU C 105 -9.12 -16.70 4.60
C GLU C 105 -8.14 -16.61 3.43
N ARG C 106 -8.47 -17.25 2.31
CA ARG C 106 -7.60 -17.19 1.14
C ARG C 106 -7.43 -15.75 0.65
N ALA C 107 -8.56 -15.04 0.51
CA ALA C 107 -8.48 -13.65 0.06
C ALA C 107 -7.73 -12.79 1.06
N PHE C 108 -7.95 -13.02 2.35
CA PHE C 108 -7.26 -12.28 3.39
C PHE C 108 -5.76 -12.45 3.28
N VAL C 109 -5.30 -13.69 3.16
CA VAL C 109 -3.86 -13.95 3.04
C VAL C 109 -3.31 -13.31 1.78
N ARG C 110 -4.01 -13.45 0.65
CA ARG C 110 -3.53 -12.89 -0.60
C ARG C 110 -3.34 -11.40 -0.50
N THR C 111 -4.37 -10.67 -0.07
CA THR C 111 -4.27 -9.22 -0.04
C THR C 111 -3.31 -8.74 1.04
N GLU C 112 -3.22 -9.47 2.16
CA GLU C 112 -2.28 -9.07 3.21
C GLU C 112 -0.84 -9.16 2.70
N LEU C 113 -0.51 -10.27 2.02
CA LEU C 113 0.84 -10.39 1.48
C LEU C 113 1.08 -9.35 0.37
N ALA C 114 0.07 -9.10 -0.46
CA ALA C 114 0.22 -8.09 -1.51
C ALA C 114 0.53 -6.73 -0.92
N ALA C 115 -0.15 -6.36 0.16
CA ALA C 115 0.15 -5.09 0.82
C ALA C 115 1.50 -5.14 1.51
N LEU C 116 1.88 -6.28 2.07
CA LEU C 116 3.16 -6.38 2.78
C LEU C 116 4.34 -6.22 1.83
N LEU C 117 4.19 -6.62 0.57
CA LEU C 117 5.26 -6.37 -0.40
C LEU C 117 5.50 -4.89 -0.70
N ALA C 118 4.82 -3.96 -0.02
CA ALA C 118 5.05 -2.53 -0.21
C ALA C 118 5.38 -1.81 1.09
N SER C 119 5.77 -2.54 2.13
CA SER C 119 6.07 -1.94 3.41
C SER C 119 7.45 -1.27 3.40
N PRO C 120 7.66 -0.26 4.23
CA PRO C 120 9.03 0.28 4.38
C PRO C 120 10.03 -0.76 4.82
N LEU C 121 9.64 -1.66 5.72
CA LEU C 121 10.54 -2.72 6.15
C LEU C 121 10.97 -3.57 4.97
N LEU C 122 10.01 -4.06 4.18
CA LEU C 122 10.37 -4.92 3.06
C LEU C 122 10.96 -4.15 1.90
N ILE C 123 10.57 -2.88 1.70
CA ILE C 123 11.18 -2.11 0.63
C ILE C 123 12.65 -1.85 0.94
N ASP C 124 12.99 -1.75 2.23
CA ASP C 124 14.40 -1.64 2.61
C ASP C 124 15.09 -3.01 2.52
N ALA C 125 14.35 -4.08 2.82
CA ALA C 125 14.94 -5.41 2.83
C ALA C 125 15.08 -6.02 1.44
N ILE C 126 14.50 -5.40 0.40
CA ILE C 126 14.55 -5.93 -0.95
C ILE C 126 15.45 -5.10 -1.85
N ASP C 127 15.20 -3.79 -1.95
CA ASP C 127 16.00 -2.95 -2.82
C ASP C 127 17.45 -2.93 -2.39
N GLN C 128 17.70 -2.64 -1.12
CA GLN C 128 19.00 -2.85 -0.52
C GLN C 128 18.96 -4.15 0.29
N LEU C 129 20.13 -4.63 0.67
CA LEU C 129 20.24 -5.87 1.43
C LEU C 129 20.53 -5.48 2.87
N ASN C 130 19.47 -5.14 3.60
CA ASN C 130 19.57 -4.76 5.01
C ASN C 130 18.68 -5.68 5.84
N PRO C 131 19.25 -6.61 6.59
CA PRO C 131 18.42 -7.49 7.43
C PRO C 131 17.64 -6.70 8.45
N ALA C 132 16.45 -7.19 8.78
CA ALA C 132 15.66 -6.57 9.84
C ALA C 132 16.38 -6.74 11.17
N TYR C 133 16.51 -5.65 11.91
CA TYR C 133 17.24 -5.67 13.17
C TYR C 133 16.53 -4.83 14.23
N ALA D 2 16.73 -1.38 8.73
CA ALA D 2 15.64 -0.66 9.36
C ALA D 2 15.14 -1.39 10.60
N LYS D 3 14.78 -0.63 11.62
CA LYS D 3 14.27 -1.22 12.86
C LYS D 3 12.94 -1.91 12.61
N LEU D 4 12.77 -3.08 13.21
CA LEU D 4 11.55 -3.89 13.02
C LEU D 4 10.41 -3.25 13.81
N GLU D 5 9.87 -2.17 13.25
CA GLU D 5 8.81 -1.44 13.91
C GLU D 5 7.49 -2.21 13.85
N THR D 6 6.55 -1.78 14.68
CA THR D 6 5.25 -2.45 14.78
C THR D 6 4.38 -2.12 13.58
N VAL D 7 4.45 -2.96 12.54
CA VAL D 7 3.65 -2.72 11.35
C VAL D 7 2.20 -3.07 11.63
N THR D 8 1.30 -2.43 10.86
CA THR D 8 -0.13 -2.70 10.93
C THR D 8 -0.70 -2.64 9.52
N LEU D 9 -1.79 -3.37 9.30
CA LEU D 9 -2.41 -3.47 7.99
C LEU D 9 -3.85 -2.97 8.08
N GLY D 10 -4.22 -2.11 7.15
CA GLY D 10 -5.56 -1.57 7.09
C GLY D 10 -6.20 -1.81 5.74
N ASN D 11 -7.53 -1.91 5.73
CA ASN D 11 -8.31 -2.15 4.53
C ASN D 11 -7.81 -3.39 3.80
N ILE D 12 -7.82 -4.51 4.52
CA ILE D 12 -7.32 -5.78 4.03
C ILE D 12 -8.46 -6.79 4.09
N GLY D 13 -8.73 -7.44 2.96
CA GLY D 13 -9.75 -8.46 2.90
C GLY D 13 -10.43 -8.45 1.55
N LYS D 14 -11.47 -9.27 1.44
CA LYS D 14 -12.29 -9.26 0.23
C LYS D 14 -12.94 -7.91 0.02
N ASP D 15 -13.47 -7.31 1.09
CA ASP D 15 -14.10 -6.00 1.03
C ASP D 15 -13.21 -4.88 1.54
N GLY D 16 -11.96 -5.19 1.89
CA GLY D 16 -11.07 -4.17 2.41
C GLY D 16 -11.53 -3.56 3.72
N LYS D 17 -11.96 -4.39 4.66
CA LYS D 17 -12.49 -3.91 5.93
C LYS D 17 -11.70 -4.40 7.14
N GLN D 18 -11.27 -5.65 7.15
CA GLN D 18 -10.54 -6.17 8.28
C GLN D 18 -9.16 -5.54 8.38
N THR D 19 -8.76 -5.19 9.61
CA THR D 19 -7.46 -4.61 9.88
C THR D 19 -6.76 -5.44 10.95
N LEU D 20 -5.43 -5.46 10.88
CA LEU D 20 -4.62 -6.22 11.82
C LEU D 20 -3.46 -5.35 12.29
N VAL D 21 -2.96 -5.67 13.48
CA VAL D 21 -1.82 -4.98 14.08
C VAL D 21 -0.78 -6.03 14.46
N LEU D 22 0.48 -5.77 14.12
CA LEU D 22 1.57 -6.68 14.40
C LEU D 22 2.60 -6.04 15.32
N ASN D 23 3.08 -6.81 16.29
CA ASN D 23 4.11 -6.38 17.21
C ASN D 23 5.35 -7.24 17.01
N PRO D 24 6.55 -6.65 17.07
CA PRO D 24 7.77 -7.44 16.87
C PRO D 24 8.02 -8.37 18.05
N ARG D 25 8.71 -9.47 17.77
CA ARG D 25 9.09 -10.45 18.78
C ARG D 25 10.55 -10.82 18.61
N GLY D 26 11.42 -9.81 18.47
CA GLY D 26 12.85 -10.03 18.46
C GLY D 26 13.33 -10.77 17.23
N VAL D 27 14.63 -11.04 17.22
CA VAL D 27 15.29 -11.79 16.16
C VAL D 27 16.15 -12.86 16.81
N ASN D 28 16.08 -14.08 16.28
CA ASN D 28 16.87 -15.15 16.90
C ASN D 28 18.19 -15.36 16.17
N PRO D 29 19.32 -15.29 16.88
CA PRO D 29 20.62 -15.50 16.24
C PRO D 29 20.84 -16.92 15.69
N THR D 30 20.00 -17.88 16.05
CA THR D 30 20.24 -19.26 15.67
C THR D 30 20.24 -19.45 14.15
N ASN D 31 19.40 -18.70 13.44
CA ASN D 31 19.40 -18.76 11.98
C ASN D 31 19.25 -17.39 11.34
N GLY D 32 19.30 -16.30 12.11
CA GLY D 32 19.29 -14.96 11.56
C GLY D 32 18.03 -14.58 10.81
N VAL D 33 16.87 -14.92 11.36
CA VAL D 33 15.58 -14.57 10.75
C VAL D 33 14.85 -13.62 11.69
N ALA D 34 14.16 -12.64 11.10
CA ALA D 34 13.32 -11.76 11.88
C ALA D 34 11.97 -12.43 12.15
N SER D 35 11.13 -11.75 12.93
CA SER D 35 9.82 -12.29 13.24
C SER D 35 8.87 -11.16 13.57
N LEU D 36 7.59 -11.37 13.23
CA LEU D 36 6.52 -10.46 13.60
C LEU D 36 5.31 -11.28 14.00
N SER D 37 4.47 -10.70 14.85
CA SER D 37 3.33 -11.44 15.35
C SER D 37 2.25 -10.46 15.80
N GLN D 38 1.04 -10.98 15.92
CA GLN D 38 -0.11 -10.23 16.41
C GLN D 38 -0.39 -10.60 17.85
N ALA D 39 -0.63 -9.60 18.69
CA ALA D 39 -0.93 -9.86 20.10
C ALA D 39 -2.21 -10.69 20.21
N GLY D 40 -2.15 -11.73 21.05
CA GLY D 40 -3.28 -12.62 21.20
C GLY D 40 -3.25 -13.29 22.55
N ALA D 41 -4.32 -14.03 22.83
CA ALA D 41 -4.44 -14.72 24.10
C ALA D 41 -3.38 -15.80 24.25
N VAL D 42 -3.19 -16.61 23.21
CA VAL D 42 -2.22 -17.70 23.24
C VAL D 42 -1.35 -17.63 22.00
N PRO D 43 -0.08 -18.04 22.07
CA PRO D 43 0.78 -17.98 20.88
C PRO D 43 0.29 -18.83 19.72
N ALA D 44 -0.44 -19.90 19.99
CA ALA D 44 -0.82 -20.83 18.92
C ALA D 44 -1.74 -20.19 17.88
N LEU D 45 -2.64 -19.33 18.32
CA LEU D 45 -3.64 -18.74 17.44
C LEU D 45 -3.19 -17.41 16.84
N GLU D 46 -1.94 -17.01 17.07
CA GLU D 46 -1.46 -15.73 16.59
C GLU D 46 -1.03 -15.81 15.13
N LYS D 47 -1.43 -14.82 14.34
CA LYS D 47 -0.93 -14.71 12.98
C LYS D 47 0.53 -14.29 13.01
N ARG D 48 1.38 -15.00 12.27
CA ARG D 48 2.82 -14.80 12.31
C ARG D 48 3.34 -14.41 10.94
N VAL D 49 4.27 -13.45 10.91
CA VAL D 49 4.94 -13.02 9.69
C VAL D 49 6.44 -13.01 9.97
N THR D 50 7.20 -13.67 9.12
CA THR D 50 8.65 -13.76 9.28
C THR D 50 9.34 -13.32 8.00
N VAL D 51 10.42 -12.55 8.15
CA VAL D 51 11.27 -12.15 7.03
C VAL D 51 12.70 -12.48 7.39
N SER D 52 13.52 -12.66 6.35
CA SER D 52 14.92 -13.04 6.57
C SER D 52 15.71 -12.79 5.29
N VAL D 53 17.02 -12.67 5.45
CA VAL D 53 17.95 -12.59 4.34
C VAL D 53 19.20 -13.39 4.72
N SER D 54 19.74 -14.12 3.76
CA SER D 54 20.85 -15.03 4.01
C SER D 54 22.15 -14.46 3.46
N GLN D 55 23.21 -14.60 4.24
CA GLN D 55 24.54 -14.22 3.78
C GLN D 55 24.95 -15.18 2.66
N PRO D 56 25.34 -14.68 1.49
CA PRO D 56 25.73 -15.59 0.41
C PRO D 56 27.07 -16.25 0.65
N SER D 57 27.08 -17.31 1.45
CA SER D 57 28.29 -18.06 1.73
C SER D 57 28.75 -18.81 0.49
N ARG D 58 29.99 -19.33 0.56
CA ARG D 58 30.57 -20.02 -0.59
C ARG D 58 29.83 -21.29 -0.96
N ASN D 59 29.05 -21.85 -0.04
CA ASN D 59 28.27 -23.04 -0.35
C ASN D 59 27.14 -22.73 -1.33
N ARG D 60 26.71 -21.47 -1.40
CA ARG D 60 25.56 -21.09 -2.20
C ARG D 60 25.82 -19.93 -3.15
N LYS D 61 26.74 -19.02 -2.81
CA LYS D 61 27.14 -17.87 -3.62
C LYS D 61 25.95 -17.15 -4.27
N ASN D 62 24.83 -17.07 -3.55
CA ASN D 62 23.65 -16.38 -4.04
C ASN D 62 22.90 -15.79 -2.86
N TYR D 63 22.17 -14.71 -3.13
CA TYR D 63 21.36 -14.07 -2.12
C TYR D 63 19.99 -14.73 -2.04
N LYS D 64 19.44 -14.79 -0.83
CA LYS D 64 18.09 -15.29 -0.62
C LYS D 64 17.34 -14.35 0.31
N VAL D 65 16.07 -14.10 -0.02
CA VAL D 65 15.17 -13.35 0.83
C VAL D 65 13.88 -14.16 0.95
N GLN D 66 13.48 -14.46 2.18
CA GLN D 66 12.30 -15.28 2.43
C GLN D 66 11.29 -14.50 3.26
N VAL D 67 10.02 -14.59 2.85
CA VAL D 67 8.91 -14.02 3.60
C VAL D 67 7.89 -15.13 3.79
N LYS D 68 7.64 -15.50 5.04
CA LYS D 68 6.75 -16.61 5.37
C LYS D 68 5.55 -16.06 6.14
N ILE D 69 4.37 -16.18 5.55
CA ILE D 69 3.12 -15.80 6.21
C ILE D 69 2.35 -17.07 6.51
N GLN D 70 2.05 -17.29 7.79
CA GLN D 70 1.38 -18.51 8.23
C GLN D 70 0.44 -18.13 9.37
N ASN D 71 -0.86 -18.04 9.06
CA ASN D 71 -1.86 -17.71 10.06
C ASN D 71 -2.91 -18.80 10.17
N PRO D 72 -3.20 -19.28 11.38
CA PRO D 72 -4.22 -20.30 11.55
C PRO D 72 -5.58 -19.73 11.91
N THR D 73 -6.59 -20.58 11.97
CA THR D 73 -7.92 -20.21 12.45
C THR D 73 -8.37 -21.20 13.51
N ALA D 74 -9.28 -20.76 14.36
CA ALA D 74 -9.75 -21.56 15.48
C ALA D 74 -11.27 -21.61 15.50
N CYS D 75 -11.81 -22.72 15.99
CA CYS D 75 -13.24 -22.91 16.13
C CYS D 75 -13.52 -23.52 17.49
N THR D 76 -14.59 -23.06 18.13
CA THR D 76 -14.97 -23.54 19.45
C THR D 76 -15.66 -24.90 19.36
N CYS D 81 -14.10 -26.27 25.63
CA CYS D 81 -13.67 -25.39 26.72
C CYS D 81 -12.85 -24.22 26.18
N ASP D 82 -11.83 -24.52 25.40
CA ASP D 82 -10.96 -23.52 24.83
C ASP D 82 -10.78 -23.76 23.34
N PRO D 83 -10.56 -22.69 22.56
CA PRO D 83 -10.38 -22.87 21.12
C PRO D 83 -9.10 -23.62 20.79
N SER D 84 -9.11 -24.31 19.66
CA SER D 84 -7.95 -25.07 19.19
C SER D 84 -7.76 -24.81 17.71
N VAL D 85 -6.52 -24.96 17.26
CA VAL D 85 -6.20 -24.76 15.85
C VAL D 85 -6.83 -25.88 15.02
N THR D 86 -7.39 -25.50 13.87
CA THR D 86 -8.07 -26.44 12.99
C THR D 86 -7.34 -26.63 11.66
N ARG D 87 -7.09 -25.54 10.94
CA ARG D 87 -6.47 -25.62 9.62
C ARG D 87 -5.47 -24.49 9.46
N GLN D 88 -4.47 -24.71 8.62
CA GLN D 88 -3.39 -23.77 8.40
C GLN D 88 -3.54 -23.06 7.06
N ALA D 89 -2.79 -21.97 6.91
CA ALA D 89 -2.84 -21.15 5.70
C ALA D 89 -1.42 -20.78 5.26
N TYR D 90 -0.55 -21.78 5.15
CA TYR D 90 0.84 -21.55 4.77
C TYR D 90 0.94 -20.73 3.50
N ALA D 91 1.79 -19.71 3.52
CA ALA D 91 1.99 -18.85 2.36
C ALA D 91 3.38 -18.23 2.47
N ASP D 92 4.33 -18.74 1.70
CA ASP D 92 5.71 -18.28 1.74
C ASP D 92 6.12 -17.65 0.42
N VAL D 93 7.10 -16.75 0.49
CA VAL D 93 7.66 -16.07 -0.67
C VAL D 93 9.18 -16.12 -0.56
N THR D 94 9.84 -16.63 -1.59
CA THR D 94 11.29 -16.71 -1.63
C THR D 94 11.82 -15.99 -2.87
N PHE D 95 12.91 -15.26 -2.69
CA PHE D 95 13.58 -14.54 -3.77
C PHE D 95 14.92 -15.20 -4.08
N SER D 96 15.65 -14.58 -5.01
CA SER D 96 16.99 -14.99 -5.37
C SER D 96 17.61 -13.91 -6.24
N PHE D 97 18.90 -13.67 -6.06
CA PHE D 97 19.60 -12.65 -6.82
C PHE D 97 21.03 -13.12 -7.05
N THR D 98 21.87 -12.20 -7.55
CA THR D 98 23.27 -12.48 -7.78
C THR D 98 24.10 -11.35 -7.19
N GLN D 99 25.41 -11.59 -7.08
CA GLN D 99 26.29 -10.60 -6.46
C GLN D 99 26.31 -9.30 -7.24
N TYR D 100 26.35 -9.37 -8.57
CA TYR D 100 26.45 -8.20 -9.41
C TYR D 100 25.08 -7.63 -9.80
N SER D 101 24.00 -8.20 -9.31
CA SER D 101 22.68 -7.69 -9.63
C SER D 101 22.51 -6.28 -9.06
N THR D 102 22.02 -5.36 -9.89
CA THR D 102 21.88 -3.98 -9.48
C THR D 102 20.56 -3.78 -8.73
N ASP D 103 20.27 -2.54 -8.36
CA ASP D 103 19.03 -2.25 -7.66
C ASP D 103 17.82 -2.26 -8.60
N GLU D 104 18.05 -1.95 -9.89
CA GLU D 104 16.95 -1.85 -10.83
C GLU D 104 16.22 -3.18 -10.98
N GLU D 105 16.96 -4.27 -11.11
CA GLU D 105 16.32 -5.57 -11.30
C GLU D 105 15.51 -5.97 -10.08
N ARG D 106 16.08 -5.80 -8.88
CA ARG D 106 15.36 -6.16 -7.66
C ARG D 106 14.09 -5.33 -7.51
N ALA D 107 14.21 -4.02 -7.76
CA ALA D 107 13.03 -3.15 -7.66
C ALA D 107 11.97 -3.57 -8.67
N PHE D 108 12.37 -3.86 -9.90
CA PHE D 108 11.42 -4.26 -10.94
C PHE D 108 10.72 -5.55 -10.54
N VAL D 109 11.49 -6.54 -10.08
CA VAL D 109 10.89 -7.83 -9.73
C VAL D 109 9.89 -7.66 -8.59
N ARG D 110 10.30 -6.98 -7.52
CA ARG D 110 9.41 -6.81 -6.38
C ARG D 110 8.16 -6.05 -6.77
N THR D 111 8.30 -4.95 -7.52
CA THR D 111 7.14 -4.13 -7.85
C THR D 111 6.19 -4.87 -8.77
N GLU D 112 6.72 -5.60 -9.76
CA GLU D 112 5.83 -6.32 -10.67
C GLU D 112 5.13 -7.46 -9.94
N LEU D 113 5.80 -8.12 -9.00
CA LEU D 113 5.13 -9.15 -8.21
C LEU D 113 4.00 -8.54 -7.38
N ALA D 114 4.29 -7.42 -6.72
CA ALA D 114 3.29 -6.78 -5.87
C ALA D 114 2.08 -6.31 -6.68
N ALA D 115 2.32 -5.75 -7.86
CA ALA D 115 1.21 -5.28 -8.69
C ALA D 115 0.47 -6.44 -9.35
N LEU D 116 1.15 -7.54 -9.64
CA LEU D 116 0.51 -8.68 -10.27
C LEU D 116 -0.36 -9.46 -9.28
N LEU D 117 -0.03 -9.39 -7.99
CA LEU D 117 -0.90 -10.02 -6.99
C LEU D 117 -2.29 -9.42 -6.99
N ALA D 118 -2.47 -8.21 -7.50
CA ALA D 118 -3.78 -7.59 -7.61
C ALA D 118 -4.37 -7.69 -9.02
N SER D 119 -3.66 -8.29 -9.96
CA SER D 119 -4.18 -8.44 -11.31
C SER D 119 -5.36 -9.40 -11.31
N PRO D 120 -6.37 -9.17 -12.15
CA PRO D 120 -7.58 -10.01 -12.10
C PRO D 120 -7.31 -11.48 -12.32
N LEU D 121 -6.31 -11.84 -13.12
CA LEU D 121 -5.99 -13.25 -13.32
C LEU D 121 -5.64 -13.92 -11.99
N LEU D 122 -4.74 -13.32 -11.22
CA LEU D 122 -4.38 -13.91 -9.94
C LEU D 122 -5.51 -13.78 -8.92
N ILE D 123 -6.32 -12.72 -9.02
CA ILE D 123 -7.47 -12.58 -8.14
C ILE D 123 -8.41 -13.78 -8.31
N ASP D 124 -8.66 -14.16 -9.56
CA ASP D 124 -9.51 -15.31 -9.81
C ASP D 124 -8.81 -16.61 -9.44
N ALA D 125 -7.51 -16.71 -9.70
CA ALA D 125 -6.79 -17.95 -9.44
C ALA D 125 -6.75 -18.28 -7.96
N ILE D 126 -6.48 -17.28 -7.11
CA ILE D 126 -6.37 -17.54 -5.68
C ILE D 126 -7.74 -17.83 -5.07
N ASP D 127 -8.77 -17.10 -5.51
CA ASP D 127 -10.06 -17.17 -4.84
C ASP D 127 -10.75 -18.52 -5.07
N GLN D 128 -11.09 -18.82 -6.31
CA GLN D 128 -11.86 -20.03 -6.63
C GLN D 128 -10.98 -21.20 -7.05
N LEU D 129 -9.66 -21.02 -7.09
CA LEU D 129 -8.72 -22.09 -7.43
C LEU D 129 -9.03 -22.71 -8.80
N ASN D 130 -9.45 -21.89 -9.74
CA ASN D 130 -9.70 -22.36 -11.10
C ASN D 130 -8.44 -22.22 -11.94
N PRO D 131 -7.91 -23.30 -12.51
CA PRO D 131 -6.69 -23.19 -13.31
C PRO D 131 -6.87 -22.28 -14.51
N ALA D 132 -5.80 -21.58 -14.85
CA ALA D 132 -5.83 -20.66 -15.98
C ALA D 132 -5.91 -21.42 -17.30
#